data_1GMX
#
_entry.id   1GMX
#
_cell.length_a   53.870
_cell.length_b   53.870
_cell.length_c   30.523
_cell.angle_alpha   90.00
_cell.angle_beta   90.00
_cell.angle_gamma   120.00
#
_symmetry.space_group_name_H-M   'P 32'
#
loop_
_entity.id
_entity.type
_entity.pdbx_description
1 polymer 'THIOSULFATE SULFURTRANSFERASE GLPE'
2 non-polymer 'ACETATE ION'
3 non-polymer 1,2-ETHANEDIOL
4 water water
#
_entity_poly.entity_id   1
_entity_poly.type   'polypeptide(L)'
_entity_poly.pdbx_seq_one_letter_code
;MDQFECINVADAHQKLQEKEAVLVDIRDPQSFAMGHAVQAFHLTNDTLGAFMRDNDFDTPVMVM(CSS)YHGNSSKGAAQ
YLLQQGYDVVYSIDGGFEAWQRQFPAEVAYGA
;
_entity_poly.pdbx_strand_id   A
#
# COMPACT_ATOMS: atom_id res chain seq x y z
N MET A 1 -6.00 -16.04 -0.45
CA MET A 1 -6.51 -16.55 -1.72
C MET A 1 -5.41 -16.35 -2.77
N ASP A 2 -5.63 -16.93 -3.95
CA ASP A 2 -4.63 -16.93 -5.01
C ASP A 2 -4.70 -15.86 -6.05
N GLN A 3 -5.51 -14.82 -5.81
CA GLN A 3 -5.55 -13.64 -6.70
C GLN A 3 -5.56 -12.37 -5.78
N PHE A 4 -5.11 -11.25 -6.29
CA PHE A 4 -5.21 -9.94 -5.58
C PHE A 4 -6.32 -9.17 -6.29
N GLU A 5 -6.76 -8.15 -5.60
CA GLU A 5 -7.89 -7.39 -6.05
C GLU A 5 -7.54 -5.89 -6.16
N CYS A 6 -8.16 -5.22 -7.12
CA CYS A 6 -8.03 -3.79 -7.23
C CYS A 6 -9.09 -3.08 -6.45
N ILE A 7 -8.75 -2.09 -5.65
CA ILE A 7 -9.70 -1.32 -4.85
C ILE A 7 -9.48 0.16 -5.07
N ASN A 8 -10.50 0.96 -4.83
CA ASN A 8 -10.40 2.39 -4.91
C ASN A 8 -9.95 2.97 -3.55
N VAL A 9 -9.59 4.26 -3.59
CA VAL A 9 -9.07 4.88 -2.40
C VAL A 9 -10.09 5.04 -1.28
N ALA A 10 -11.39 5.18 -1.62
CA ALA A 10 -12.38 5.28 -0.54
C ALA A 10 -12.47 3.96 0.23
N ASP A 11 -12.47 2.85 -0.51
CA ASP A 11 -12.49 1.53 0.08
C ASP A 11 -11.21 1.34 0.93
N ALA A 12 -10.05 1.66 0.34
CA ALA A 12 -8.78 1.52 1.06
C ALA A 12 -8.78 2.34 2.35
N HIS A 13 -9.26 3.57 2.27
CA HIS A 13 -9.32 4.44 3.44
C HIS A 13 -10.17 3.84 4.55
N GLN A 14 -11.30 3.24 4.18
CA GLN A 14 -12.18 2.63 5.16
C GLN A 14 -11.50 1.41 5.82
N LYS A 15 -10.84 0.57 5.02
CA LYS A 15 -10.13 -0.55 5.59
C LYS A 15 -9.05 -0.10 6.56
N LEU A 16 -8.38 0.96 6.21
CA LEU A 16 -7.34 1.50 7.06
C LEU A 16 -7.92 2.02 8.36
N GLN A 17 -8.99 2.80 8.26
CA GLN A 17 -9.60 3.36 9.43
C GLN A 17 -10.08 2.31 10.41
N GLU A 18 -10.58 1.21 9.87
CA GLU A 18 -11.04 0.10 10.65
C GLU A 18 -9.97 -0.82 11.17
N LYS A 19 -8.74 -0.50 10.80
CA LYS A 19 -7.59 -1.29 11.21
C LYS A 19 -7.68 -2.71 10.67
N GLU A 20 -8.23 -2.85 9.47
CA GLU A 20 -8.40 -4.15 8.84
C GLU A 20 -7.22 -4.54 7.98
N ALA A 21 -6.49 -3.57 7.46
CA ALA A 21 -5.44 -3.79 6.48
C ALA A 21 -4.32 -2.80 6.77
N VAL A 22 -3.12 -3.15 6.30
CA VAL A 22 -1.98 -2.25 6.32
C VAL A 22 -1.78 -1.68 4.92
N LEU A 23 -1.17 -0.51 4.87
CA LEU A 23 -0.92 0.20 3.64
C LEU A 23 0.57 0.29 3.39
N VAL A 24 0.99 -0.10 2.20
CA VAL A 24 2.39 0.02 1.76
C VAL A 24 2.40 0.88 0.52
N ASP A 25 3.50 1.65 0.40
CA ASP A 25 3.75 2.58 -0.70
C ASP A 25 5.08 2.18 -1.33
N ILE A 26 5.06 1.84 -2.59
CA ILE A 26 6.21 1.31 -3.32
C ILE A 26 6.89 2.34 -4.21
N ARG A 27 6.52 3.61 -4.06
CA ARG A 27 7.19 4.65 -4.83
C ARG A 27 8.60 4.88 -4.34
N ASP A 28 9.38 5.60 -5.17
CA ASP A 28 10.73 5.99 -4.85
C ASP A 28 10.75 6.84 -3.56
N PRO A 29 11.86 6.86 -2.85
CA PRO A 29 11.90 7.55 -1.54
C PRO A 29 11.70 9.04 -1.62
N GLN A 30 12.15 9.65 -2.71
CA GLN A 30 11.94 11.09 -2.85
C GLN A 30 10.47 11.42 -3.02
N SER A 31 9.77 10.70 -3.87
CA SER A 31 8.33 10.91 -4.03
C SER A 31 7.61 10.60 -2.73
N PHE A 32 8.01 9.53 -2.04
CA PHE A 32 7.40 9.20 -0.74
C PHE A 32 7.53 10.34 0.24
N ALA A 33 8.73 10.93 0.32
CA ALA A 33 8.95 12.02 1.26
C ALA A 33 8.20 13.28 0.87
N MET A 34 7.99 13.49 -0.43
CA MET A 34 7.21 14.64 -0.88
C MET A 34 5.74 14.58 -0.48
N GLY A 35 5.25 13.43 -0.12
CA GLY A 35 3.89 13.28 0.35
C GLY A 35 3.44 11.86 0.18
N HIS A 36 2.90 11.27 1.25
CA HIS A 36 2.39 9.92 1.21
C HIS A 36 1.17 9.84 2.10
N ALA A 37 0.37 8.80 1.94
CA ALA A 37 -0.75 8.61 2.83
C ALA A 37 -0.28 8.38 4.23
N VAL A 38 -1.04 8.95 5.16
N VAL A 38 -1.13 8.80 5.15
CA VAL A 38 -0.85 8.66 6.56
C VAL A 38 -0.87 7.08 6.73
C VAL A 38 -0.12 7.48 7.19
N GLN A 39 0.04 6.67 7.55
N GLN A 39 -0.70 6.31 7.13
CA GLN A 39 0.20 5.32 7.93
CA GLN A 39 -0.03 5.26 7.81
C GLN A 39 0.78 4.44 6.85
C GLN A 39 0.77 4.42 6.84
N ALA A 40 1.13 4.98 5.67
CA ALA A 40 1.82 4.14 4.69
C ALA A 40 3.22 3.76 5.14
N PHE A 41 3.55 2.50 4.96
CA PHE A 41 4.90 1.99 5.13
C PHE A 41 5.59 2.01 3.77
N HIS A 42 6.79 2.54 3.74
CA HIS A 42 7.53 2.58 2.52
C HIS A 42 8.18 1.22 2.26
N LEU A 43 7.65 0.51 1.28
CA LEU A 43 8.04 -0.86 0.97
C LEU A 43 8.89 -0.88 -0.27
N THR A 44 10.15 -1.30 -0.09
CA THR A 44 11.08 -1.50 -1.18
C THR A 44 11.66 -2.89 -1.06
N ASN A 45 12.44 -3.30 -2.04
CA ASN A 45 13.08 -4.60 -1.92
C ASN A 45 13.99 -4.70 -0.66
N ASP A 46 14.60 -3.58 -0.29
CA ASP A 46 15.39 -3.54 0.93
C ASP A 46 14.57 -3.60 2.20
N THR A 47 13.40 -2.95 2.24
CA THR A 47 12.59 -2.97 3.46
C THR A 47 11.68 -4.21 3.50
N LEU A 48 11.67 -5.02 2.42
CA LEU A 48 10.79 -6.18 2.35
C LEU A 48 11.07 -7.21 3.43
N GLY A 49 12.36 -7.41 3.71
CA GLY A 49 12.68 -8.43 4.68
C GLY A 49 12.09 -8.07 6.04
N ALA A 50 12.26 -6.81 6.46
CA ALA A 50 11.63 -6.34 7.68
C ALA A 50 10.13 -6.41 7.62
N PHE A 51 9.55 -5.99 6.51
CA PHE A 51 8.10 -6.03 6.37
C PHE A 51 7.56 -7.48 6.62
N MET A 52 8.20 -8.44 6.02
CA MET A 52 7.73 -9.82 6.12
C MET A 52 7.85 -10.34 7.56
N ARG A 53 8.91 -9.97 8.26
CA ARG A 53 9.09 -10.39 9.64
C ARG A 53 8.04 -9.78 10.50
N ASP A 54 7.60 -8.60 10.12
CA ASP A 54 6.72 -7.84 10.96
C ASP A 54 5.22 -7.97 10.62
N ASN A 55 4.90 -8.56 9.48
CA ASN A 55 3.53 -8.67 9.04
C ASN A 55 3.35 -10.09 8.54
N ASP A 56 2.61 -10.85 9.29
CA ASP A 56 2.30 -12.22 8.92
C ASP A 56 1.55 -12.30 7.62
N PHE A 57 1.60 -13.46 6.97
CA PHE A 57 0.99 -13.69 5.68
C PHE A 57 -0.51 -13.55 5.64
N ASP A 58 -1.17 -13.58 6.80
CA ASP A 58 -2.58 -13.37 6.89
C ASP A 58 -2.98 -11.88 7.08
N THR A 59 -2.00 -11.01 7.04
CA THR A 59 -2.29 -9.58 7.18
C THR A 59 -2.78 -9.04 5.84
N PRO A 60 -3.96 -8.43 5.76
CA PRO A 60 -4.34 -7.79 4.52
C PRO A 60 -3.41 -6.61 4.23
N VAL A 61 -2.92 -6.57 2.99
CA VAL A 61 -1.95 -5.56 2.53
C VAL A 61 -2.49 -4.84 1.33
N MET A 62 -2.51 -3.50 1.40
CA MET A 62 -2.94 -2.67 0.28
C MET A 62 -1.70 -1.96 -0.25
N VAL A 63 -1.50 -2.03 -1.55
CA VAL A 63 -0.32 -1.52 -2.22
C VAL A 63 -0.66 -0.26 -3.03
N MET A 64 0.05 0.82 -2.74
CA MET A 64 -0.10 2.09 -3.46
C MET A 64 1.20 2.42 -4.19
N TYR A 66 2.41 5.17 -7.85
CA TYR A 66 2.16 6.49 -8.46
C TYR A 66 0.70 6.69 -8.95
N HIS A 67 0.19 5.69 -9.63
CA HIS A 67 -1.07 5.79 -10.39
C HIS A 67 -1.93 4.56 -10.36
N GLY A 68 -1.51 3.49 -9.71
CA GLY A 68 -2.26 2.25 -9.72
C GLY A 68 -1.76 1.18 -10.68
N ASN A 69 -0.58 1.41 -11.29
CA ASN A 69 -0.04 0.48 -12.30
C ASN A 69 0.96 -0.52 -11.74
N SER A 70 2.08 -0.04 -11.18
CA SER A 70 3.08 -0.94 -10.65
C SER A 70 2.65 -1.68 -9.41
N SER A 71 1.66 -1.15 -8.71
CA SER A 71 1.12 -1.82 -7.55
C SER A 71 0.49 -3.18 -7.92
N LYS A 72 0.05 -3.37 -9.17
CA LYS A 72 -0.47 -4.67 -9.57
C LYS A 72 0.63 -5.73 -9.55
N GLY A 73 1.75 -5.46 -10.19
CA GLY A 73 2.85 -6.42 -10.19
C GLY A 73 3.42 -6.63 -8.79
N ALA A 74 3.49 -5.56 -7.98
CA ALA A 74 3.98 -5.70 -6.63
C ALA A 74 3.01 -6.53 -5.80
N ALA A 75 1.71 -6.32 -5.97
CA ALA A 75 0.71 -7.12 -5.25
C ALA A 75 0.86 -8.61 -5.57
N GLN A 76 1.01 -8.89 -6.87
CA GLN A 76 1.18 -10.27 -7.29
C GLN A 76 2.45 -10.90 -6.68
N TYR A 77 3.53 -10.09 -6.65
CA TYR A 77 4.73 -10.52 -6.01
C TYR A 77 4.53 -10.88 -4.55
N LEU A 78 3.82 -10.04 -3.82
CA LEU A 78 3.52 -10.36 -2.43
C LEU A 78 2.71 -11.63 -2.28
N LEU A 79 1.72 -11.84 -3.13
CA LEU A 79 0.99 -13.13 -3.10
C LEU A 79 1.96 -14.31 -3.27
N GLN A 80 2.87 -14.17 -4.21
CA GLN A 80 3.85 -15.23 -4.48
C GLN A 80 4.74 -15.50 -3.30
N GLN A 81 4.99 -14.50 -2.49
CA GLN A 81 5.78 -14.68 -1.27
C GLN A 81 5.03 -15.32 -0.13
N GLY A 82 3.69 -15.40 -0.21
CA GLY A 82 2.89 -16.06 0.78
C GLY A 82 1.74 -15.23 1.32
N TYR A 83 1.66 -13.93 0.98
CA TYR A 83 0.51 -13.18 1.44
C TYR A 83 -0.77 -13.68 0.77
N ASP A 84 -1.84 -13.79 1.54
CA ASP A 84 -3.10 -14.27 1.01
C ASP A 84 -4.09 -13.18 0.64
N VAL A 85 -3.97 -11.99 1.21
CA VAL A 85 -5.01 -10.93 1.05
C VAL A 85 -4.22 -9.66 0.65
N VAL A 86 -4.19 -9.39 -0.66
CA VAL A 86 -3.41 -8.27 -1.19
C VAL A 86 -4.25 -7.50 -2.16
N TYR A 87 -4.18 -6.19 -2.06
CA TYR A 87 -4.91 -5.26 -2.92
C TYR A 87 -3.99 -4.31 -3.63
N SER A 88 -4.37 -3.85 -4.80
CA SER A 88 -3.73 -2.77 -5.51
C SER A 88 -4.70 -1.60 -5.52
N ILE A 89 -4.21 -0.42 -5.18
CA ILE A 89 -5.06 0.77 -5.05
C ILE A 89 -5.11 1.55 -6.34
N ASP A 90 -6.25 1.50 -7.01
CA ASP A 90 -6.47 2.20 -8.24
C ASP A 90 -6.26 3.68 -8.07
N GLY A 91 -5.56 4.26 -9.03
CA GLY A 91 -5.29 5.67 -9.01
C GLY A 91 -4.06 6.09 -8.26
N GLY A 92 -3.52 5.21 -7.43
CA GLY A 92 -2.29 5.48 -6.72
C GLY A 92 -2.39 6.69 -5.78
N PHE A 93 -1.21 7.27 -5.53
CA PHE A 93 -1.13 8.41 -4.67
C PHE A 93 -1.92 9.61 -5.20
N GLU A 94 -1.94 9.75 -6.52
CA GLU A 94 -2.69 10.87 -7.07
C GLU A 94 -4.13 10.83 -6.58
N ALA A 95 -4.75 9.67 -6.63
CA ALA A 95 -6.13 9.55 -6.20
C ALA A 95 -6.27 9.75 -4.71
N TRP A 96 -5.32 9.23 -3.93
CA TRP A 96 -5.36 9.37 -2.49
C TRP A 96 -5.35 10.86 -2.10
N GLN A 97 -4.37 11.60 -2.65
CA GLN A 97 -4.24 13.01 -2.35
C GLN A 97 -5.46 13.81 -2.78
N ARG A 98 -6.07 13.43 -3.88
CA ARG A 98 -7.26 14.17 -4.35
C ARG A 98 -8.42 13.95 -3.40
N GLN A 99 -8.62 12.73 -2.93
CA GLN A 99 -9.76 12.42 -2.11
C GLN A 99 -9.58 12.73 -0.65
N PHE A 100 -8.36 12.59 -0.18
CA PHE A 100 -8.02 12.72 1.22
C PHE A 100 -6.85 13.68 1.50
N PRO A 101 -6.96 14.91 1.06
CA PRO A 101 -5.78 15.80 1.11
C PRO A 101 -5.29 16.07 2.52
N ALA A 102 -6.17 15.98 3.50
CA ALA A 102 -5.73 16.20 4.85
C ALA A 102 -5.06 15.00 5.47
N GLU A 103 -5.00 13.90 4.73
CA GLU A 103 -4.35 12.67 5.24
C GLU A 103 -3.10 12.35 4.46
N VAL A 104 -2.24 13.36 4.32
CA VAL A 104 -0.94 13.29 3.65
C VAL A 104 0.10 13.69 4.67
N ALA A 105 1.16 12.90 4.71
CA ALA A 105 2.28 13.05 5.60
C ALA A 105 3.54 13.23 4.73
N TYR A 106 4.56 13.83 5.34
CA TYR A 106 5.77 14.22 4.59
C TYR A 106 6.99 13.59 5.25
N GLY A 107 8.05 13.47 4.46
CA GLY A 107 9.26 12.84 4.95
C GLY A 107 9.16 11.34 4.93
N ALA A 108 10.20 10.76 5.48
CA ALA A 108 10.06 9.40 5.97
C ALA A 108 9.12 9.18 7.18
#